data_2BNG
#
_entry.id   2BNG
#
_cell.length_a   81.901
_cell.length_b   81.901
_cell.length_c   117.025
_cell.angle_alpha   90.00
_cell.angle_beta   90.00
_cell.angle_gamma   120.00
#
_symmetry.space_group_name_H-M   'P 32 2 1'
#
loop_
_entity.id
_entity.type
_entity.pdbx_description
1 polymer MB2760
2 non-polymer 'CALCIUM ION'
3 water water
#
_entity_poly.entity_id   1
_entity_poly.type   'polypeptide(L)'
_entity_poly.pdbx_seq_one_letter_code
;(MSE)AELTETSPETPETTEAIRAVEAFLNALQNEDFDTVDAALGDDLVYENVGFSRIRGGRRTATLLRR(MSE)QGRVG
FEVKIHRIGADGAAVLTERTDALIIGPLRVQFWVCGVFEVDDGRITLWRDYFDVYD(MSE)FKGLLRGLVALVVPSLKAT
L
;
_entity_poly.pdbx_strand_id   A,B,C
#
loop_
_chem_comp.id
_chem_comp.type
_chem_comp.name
_chem_comp.formula
CA non-polymer 'CALCIUM ION' 'Ca 2'
#
# COMPACT_ATOMS: atom_id res chain seq x y z
N GLU A 13 9.46 -12.17 33.22
CA GLU A 13 10.45 -12.07 32.11
C GLU A 13 10.31 -13.25 31.17
N THR A 14 10.63 -14.42 31.72
CA THR A 14 10.43 -15.72 31.11
C THR A 14 8.93 -15.97 30.87
N THR A 15 8.12 -15.82 31.92
CA THR A 15 6.65 -15.97 31.81
C THR A 15 6.05 -14.93 30.90
N GLU A 16 6.54 -13.71 31.01
CA GLU A 16 6.14 -12.61 30.15
C GLU A 16 6.31 -12.96 28.68
N ALA A 17 7.49 -13.46 28.33
CA ALA A 17 7.81 -13.82 26.93
C ALA A 17 6.92 -14.96 26.43
N ILE A 18 6.68 -15.94 27.30
CA ILE A 18 5.79 -17.05 27.02
C ILE A 18 4.35 -16.58 26.76
N ARG A 19 3.87 -15.68 27.61
CA ARG A 19 2.52 -15.17 27.47
C ARG A 19 2.32 -14.32 26.26
N ALA A 20 3.33 -13.54 25.89
CA ALA A 20 3.25 -12.76 24.67
C ALA A 20 3.09 -13.71 23.47
N VAL A 21 3.86 -14.81 23.48
CA VAL A 21 3.82 -15.74 22.36
C VAL A 21 2.46 -16.44 22.28
N GLU A 22 1.97 -16.92 23.40
CA GLU A 22 0.65 -17.53 23.46
C GLU A 22 -0.42 -16.57 23.01
N ALA A 23 -0.42 -15.38 23.59
CA ALA A 23 -1.41 -14.36 23.25
C ALA A 23 -1.37 -14.12 21.75
N PHE A 24 -0.16 -13.99 21.19
CA PHE A 24 -0.04 -13.71 19.76
C PHE A 24 -0.67 -14.83 18.91
N LEU A 25 -0.32 -16.07 19.23
CA LEU A 25 -0.77 -17.22 18.45
C LEU A 25 -2.26 -17.45 18.57
N ASN A 26 -2.81 -17.23 19.76
CA ASN A 26 -4.26 -17.23 19.92
C ASN A 26 -4.96 -16.12 19.17
N ALA A 27 -4.34 -14.93 19.13
CA ALA A 27 -4.89 -13.79 18.39
C ALA A 27 -4.95 -14.09 16.90
N LEU A 28 -3.90 -14.73 16.37
CA LEU A 28 -3.87 -15.20 14.98
C LEU A 28 -5.05 -16.09 14.67
N GLN A 29 -5.23 -17.11 15.49
CA GLN A 29 -6.31 -18.07 15.33
C GLN A 29 -7.67 -17.38 15.43
N ASN A 30 -7.80 -16.42 16.34
CA ASN A 30 -9.07 -15.79 16.60
C ASN A 30 -9.34 -14.61 15.69
N GLU A 31 -8.38 -14.28 14.82
CA GLU A 31 -8.48 -13.15 13.89
C GLU A 31 -8.62 -11.81 14.60
N ASP A 32 -7.92 -11.69 15.71
CA ASP A 32 -7.93 -10.50 16.54
C ASP A 32 -6.70 -9.72 16.10
N PHE A 33 -6.87 -8.94 15.03
CA PHE A 33 -5.75 -8.32 14.33
C PHE A 33 -5.11 -7.10 14.95
N ASP A 34 -5.87 -6.35 15.75
CA ASP A 34 -5.27 -5.32 16.59
C ASP A 34 -4.29 -5.92 17.56
N THR A 35 -4.64 -7.05 18.17
CA THR A 35 -3.75 -7.71 19.12
C THR A 35 -2.52 -8.26 18.41
N VAL A 36 -2.72 -8.87 17.24
CA VAL A 36 -1.62 -9.23 16.34
C VAL A 36 -0.69 -8.03 16.07
N ASP A 37 -1.25 -6.88 15.69
CA ASP A 37 -0.50 -5.62 15.54
C ASP A 37 0.30 -5.23 16.77
N ALA A 38 -0.32 -5.31 17.94
CA ALA A 38 0.29 -4.88 19.18
C ALA A 38 1.41 -5.86 19.59
N ALA A 39 1.26 -7.12 19.22
CA ALA A 39 2.24 -8.13 19.58
C ALA A 39 3.57 -8.07 18.81
N LEU A 40 3.56 -7.53 17.58
CA LEU A 40 4.73 -7.64 16.70
C LEU A 40 5.61 -6.41 16.74
N GLY A 41 6.91 -6.61 16.98
CA GLY A 41 7.88 -5.48 17.01
C GLY A 41 8.10 -4.82 15.65
N ASP A 42 8.54 -3.56 15.66
CA ASP A 42 8.76 -2.80 14.42
C ASP A 42 9.81 -3.48 13.56
N ASP A 43 10.80 -4.10 14.18
CA ASP A 43 11.90 -4.72 13.45
C ASP A 43 11.79 -6.24 13.39
N LEU A 44 10.58 -6.75 13.56
CA LEU A 44 10.30 -8.17 13.40
C LEU A 44 11.00 -8.73 12.15
N VAL A 45 11.75 -9.83 12.30
CA VAL A 45 11.98 -10.67 11.14
C VAL A 45 11.12 -11.93 11.26
N TYR A 46 10.39 -12.24 10.19
CA TYR A 46 9.45 -13.34 10.15
C TYR A 46 9.88 -14.30 9.04
N GLU A 47 10.23 -15.52 9.43
CA GLU A 47 10.69 -16.54 8.53
C GLU A 47 9.79 -17.76 8.58
N ASN A 48 9.47 -18.27 7.40
CA ASN A 48 9.09 -19.67 7.24
C ASN A 48 10.32 -20.36 6.66
N VAL A 49 10.98 -21.21 7.47
CA VAL A 49 12.35 -21.59 7.07
C VAL A 49 12.43 -22.41 5.80
N GLY A 50 13.38 -21.99 4.97
CA GLY A 50 13.52 -22.47 3.61
C GLY A 50 12.58 -21.82 2.63
N PHE A 51 11.64 -20.99 3.09
CA PHE A 51 10.54 -20.57 2.19
C PHE A 51 10.30 -19.08 2.07
N SER A 52 10.31 -18.35 3.18
CA SER A 52 10.04 -16.91 3.14
C SER A 52 10.69 -16.12 4.28
N ARG A 53 11.12 -14.91 3.96
CA ARG A 53 11.53 -13.97 4.96
C ARG A 53 10.94 -12.59 4.73
N ILE A 54 10.32 -12.05 5.77
CA ILE A 54 9.74 -10.72 5.72
C ILE A 54 10.31 -9.93 6.89
N ARG A 55 10.65 -8.68 6.62
CA ARG A 55 11.12 -7.77 7.67
C ARG A 55 10.14 -6.66 7.96
N GLY A 56 9.87 -6.43 9.24
CA GLY A 56 8.99 -5.36 9.64
C GLY A 56 7.71 -5.92 10.25
N GLY A 57 7.39 -5.46 11.45
CA GLY A 57 6.17 -5.83 12.12
C GLY A 57 4.87 -5.30 11.54
N ARG A 58 4.86 -4.04 11.09
CA ARG A 58 3.71 -3.45 10.38
C ARG A 58 3.42 -4.17 9.07
N ARG A 59 4.45 -4.41 8.27
CA ARG A 59 4.27 -5.14 7.02
C ARG A 59 3.67 -6.54 7.28
N THR A 60 4.24 -7.26 8.24
CA THR A 60 3.78 -8.62 8.54
C THR A 60 2.33 -8.59 9.04
N ALA A 61 2.08 -7.70 9.99
CA ALA A 61 0.75 -7.53 10.54
C ALA A 61 -0.30 -7.22 9.46
N THR A 62 -0.02 -6.30 8.53
CA THR A 62 -1.03 -6.02 7.51
C THR A 62 -1.18 -7.14 6.46
N LEU A 63 -0.10 -7.86 6.20
CA LEU A 63 -0.18 -9.05 5.35
C LEU A 63 -1.09 -10.11 5.93
N LEU A 64 -0.96 -10.37 7.23
CA LEU A 64 -1.85 -11.31 7.91
C LEU A 64 -3.30 -10.80 7.94
N ARG A 65 -3.47 -9.52 8.30
CA ARG A 65 -4.80 -8.89 8.35
C ARG A 65 -5.52 -9.06 7.02
N ARG A 66 -4.78 -8.90 5.94
CA ARG A 66 -5.37 -8.95 4.59
C ARG A 66 -5.72 -10.33 4.06
N MSE A 67 -5.31 -11.37 4.77
CA MSE A 67 -5.68 -12.74 4.45
C MSE A 67 -7.04 -13.15 5.03
O MSE A 67 -7.60 -14.15 4.62
CB MSE A 67 -4.59 -13.66 4.96
CG MSE A 67 -3.50 -13.80 3.96
SE MSE A 67 -2.18 -14.88 4.73
CE MSE A 67 -0.89 -13.65 5.08
N GLN A 68 -7.55 -12.34 5.95
CA GLN A 68 -8.81 -12.67 6.59
C GLN A 68 -9.94 -12.89 5.57
N GLY A 69 -10.65 -14.01 5.70
CA GLY A 69 -11.74 -14.35 4.80
C GLY A 69 -11.25 -15.15 3.60
N ARG A 70 -9.95 -15.35 3.49
CA ARG A 70 -9.37 -16.20 2.44
C ARG A 70 -8.62 -17.39 2.99
N VAL A 71 -7.84 -17.13 4.03
CA VAL A 71 -7.20 -18.20 4.78
C VAL A 71 -7.35 -18.04 6.28
N GLY A 72 -7.89 -19.08 6.92
CA GLY A 72 -7.98 -19.15 8.36
C GLY A 72 -6.80 -19.92 8.91
N PHE A 73 -6.50 -19.66 10.18
CA PHE A 73 -5.43 -20.32 10.87
C PHE A 73 -5.96 -21.00 12.12
N GLU A 74 -5.43 -22.18 12.41
CA GLU A 74 -5.60 -22.82 13.70
C GLU A 74 -4.24 -23.18 14.22
N VAL A 75 -4.05 -22.98 15.53
CA VAL A 75 -2.79 -23.25 16.21
C VAL A 75 -3.09 -23.96 17.50
N LYS A 76 -2.51 -25.15 17.67
CA LYS A 76 -2.55 -25.87 18.93
C LYS A 76 -1.11 -26.00 19.45
N ILE A 77 -0.83 -25.48 20.65
CA ILE A 77 0.53 -25.51 21.22
C ILE A 77 0.62 -26.67 22.19
N HIS A 78 1.46 -27.65 21.89
CA HIS A 78 1.58 -28.85 22.71
C HIS A 78 2.53 -28.61 23.87
N ARG A 79 3.58 -27.85 23.58
CA ARG A 79 4.65 -27.53 24.52
C ARG A 79 5.27 -26.18 24.14
N ILE A 80 5.68 -25.45 25.17
CA ILE A 80 6.20 -24.10 25.03
C ILE A 80 7.17 -23.83 26.19
N GLY A 81 8.43 -23.57 25.86
CA GLY A 81 9.43 -23.20 26.86
C GLY A 81 10.22 -21.97 26.50
N ALA A 82 10.94 -21.45 27.47
CA ALA A 82 11.66 -20.20 27.26
C ALA A 82 13.08 -20.31 27.76
N ASP A 83 13.95 -19.55 27.11
CA ASP A 83 15.29 -19.33 27.62
C ASP A 83 15.64 -17.86 27.42
N GLY A 84 15.43 -17.12 28.49
CA GLY A 84 15.55 -15.66 28.51
C GLY A 84 14.50 -15.01 27.62
N ALA A 85 14.98 -14.31 26.59
CA ALA A 85 14.11 -13.69 25.61
C ALA A 85 13.66 -14.66 24.52
N ALA A 86 14.24 -15.86 24.45
CA ALA A 86 13.82 -16.83 23.43
C ALA A 86 12.69 -17.73 23.92
N VAL A 87 11.72 -17.99 23.05
CA VAL A 87 10.59 -18.86 23.34
C VAL A 87 10.48 -19.87 22.21
N LEU A 88 10.44 -21.15 22.56
CA LEU A 88 10.30 -22.20 21.56
C LEU A 88 8.96 -22.87 21.75
N THR A 89 8.35 -23.28 20.63
CA THR A 89 7.04 -23.92 20.65
C THR A 89 7.01 -25.21 19.83
N GLU A 90 6.31 -26.23 20.30
CA GLU A 90 5.95 -27.40 19.51
C GLU A 90 4.45 -27.32 19.27
N ARG A 91 4.04 -27.25 18.00
CA ARG A 91 2.65 -26.99 17.65
C ARG A 91 2.12 -27.89 16.56
N THR A 92 0.78 -27.88 16.43
CA THR A 92 0.07 -28.34 15.24
C THR A 92 -0.67 -27.11 14.72
N ASP A 93 -0.41 -26.75 13.46
CA ASP A 93 -1.07 -25.65 12.79
C ASP A 93 -2.02 -26.16 11.73
N ALA A 94 -2.96 -25.34 11.28
CA ALA A 94 -3.77 -25.67 10.11
C ALA A 94 -4.00 -24.42 9.28
N LEU A 95 -3.88 -24.55 7.96
CA LEU A 95 -4.39 -23.50 7.06
C LEU A 95 -5.69 -23.97 6.48
N ILE A 96 -6.65 -23.05 6.43
CA ILE A 96 -8.00 -23.34 5.99
C ILE A 96 -8.39 -22.38 4.88
N ILE A 97 -8.65 -22.96 3.72
CA ILE A 97 -9.06 -22.23 2.52
C ILE A 97 -10.37 -22.82 2.03
N GLY A 98 -11.48 -22.13 2.33
CA GLY A 98 -12.81 -22.70 2.16
C GLY A 98 -12.96 -24.04 2.85
N PRO A 99 -13.38 -25.07 2.09
CA PRO A 99 -13.59 -26.39 2.69
C PRO A 99 -12.30 -27.16 2.87
N LEU A 100 -11.22 -26.69 2.24
CA LEU A 100 -9.91 -27.35 2.31
C LEU A 100 -9.17 -27.00 3.59
N ARG A 101 -8.89 -28.02 4.39
CA ARG A 101 -8.12 -27.84 5.62
C ARG A 101 -6.82 -28.59 5.51
N VAL A 102 -5.71 -27.89 5.71
CA VAL A 102 -4.37 -28.51 5.65
C VAL A 102 -3.71 -28.41 7.03
N GLN A 103 -3.51 -29.56 7.65
CA GLN A 103 -2.92 -29.61 8.98
C GLN A 103 -1.50 -30.19 8.93
N PHE A 104 -0.61 -29.67 9.78
CA PHE A 104 0.82 -29.99 9.74
C PHE A 104 1.51 -29.52 11.04
N TRP A 105 2.56 -30.23 11.46
CA TRP A 105 3.32 -29.81 12.63
C TRP A 105 4.16 -28.56 12.35
N VAL A 106 4.31 -27.70 13.36
CA VAL A 106 5.21 -26.57 13.28
C VAL A 106 6.01 -26.47 14.55
N CYS A 107 7.32 -26.24 14.44
CA CYS A 107 8.09 -25.80 15.61
C CYS A 107 8.46 -24.35 15.37
N GLY A 108 7.99 -23.47 16.26
CA GLY A 108 8.23 -22.06 16.10
C GLY A 108 9.20 -21.55 17.16
N VAL A 109 10.20 -20.78 16.71
CA VAL A 109 11.07 -20.08 17.65
C VAL A 109 10.87 -18.56 17.59
N PHE A 110 10.79 -17.94 18.76
CA PHE A 110 10.46 -16.53 18.85
C PHE A 110 11.49 -15.83 19.69
N GLU A 111 11.65 -14.55 19.43
CA GLU A 111 12.37 -13.70 20.37
C GLU A 111 11.46 -12.56 20.76
N VAL A 112 11.35 -12.33 22.06
CA VAL A 112 10.53 -11.22 22.53
C VAL A 112 11.30 -10.22 23.36
N ASP A 113 11.05 -8.96 23.04
CA ASP A 113 11.74 -7.86 23.66
C ASP A 113 10.66 -6.86 24.07
N ASP A 114 10.52 -6.65 25.38
CA ASP A 114 9.59 -5.63 25.90
C ASP A 114 8.14 -5.92 25.53
N GLY A 115 7.74 -7.17 25.67
CA GLY A 115 6.40 -7.60 25.27
C GLY A 115 6.17 -7.70 23.77
N ARG A 116 7.14 -7.26 22.96
CA ARG A 116 6.98 -7.32 21.50
C ARG A 116 7.83 -8.45 20.90
N ILE A 117 7.26 -9.15 19.92
CA ILE A 117 7.98 -10.20 19.16
C ILE A 117 8.89 -9.59 18.07
N THR A 118 10.18 -9.90 18.17
CA THR A 118 11.18 -9.35 17.27
C THR A 118 11.72 -10.41 16.30
N LEU A 119 11.52 -11.69 16.64
CA LEU A 119 11.79 -12.82 15.74
C LEU A 119 10.63 -13.82 15.77
N TRP A 120 10.24 -14.30 14.60
CA TRP A 120 9.22 -15.31 14.53
C TRP A 120 9.65 -16.26 13.45
N ARG A 121 10.09 -17.44 13.88
CA ARG A 121 10.68 -18.39 12.96
C ARG A 121 9.96 -19.73 13.01
N ASP A 122 9.18 -20.02 11.97
CA ASP A 122 8.45 -21.28 11.90
C ASP A 122 9.19 -22.32 11.03
N TYR A 123 9.35 -23.52 11.61
CA TYR A 123 9.91 -24.67 10.98
C TYR A 123 8.82 -25.68 10.76
N PHE A 124 8.83 -26.30 9.57
CA PHE A 124 7.92 -27.37 9.23
C PHE A 124 8.56 -28.20 8.11
N ASP A 125 7.88 -29.29 7.75
CA ASP A 125 8.41 -30.29 6.82
C ASP A 125 7.53 -30.34 5.58
N VAL A 126 8.11 -30.23 4.39
CA VAL A 126 7.31 -30.31 3.15
C VAL A 126 6.62 -31.66 3.00
N TYR A 127 7.29 -32.75 3.37
CA TYR A 127 6.65 -34.06 3.31
C TYR A 127 5.42 -34.15 4.23
N ASP A 128 5.56 -33.70 5.46
CA ASP A 128 4.44 -33.63 6.37
C ASP A 128 3.31 -32.70 5.84
N MSE A 129 3.69 -31.54 5.30
CA MSE A 129 2.73 -30.66 4.67
C MSE A 129 2.09 -31.24 3.42
O MSE A 129 0.93 -31.03 3.17
CB MSE A 129 3.41 -29.37 4.27
CG MSE A 129 2.42 -28.22 4.07
SE MSE A 129 3.56 -26.72 4.56
CE MSE A 129 3.99 -27.17 6.05
N PHE A 130 2.86 -31.99 2.63
CA PHE A 130 2.30 -32.63 1.46
C PHE A 130 1.24 -33.64 1.90
N LYS A 131 1.56 -34.45 2.92
CA LYS A 131 0.61 -35.44 3.45
C LYS A 131 -0.64 -34.76 3.98
N GLY A 132 -0.46 -33.62 4.64
CA GLY A 132 -1.58 -32.86 5.18
C GLY A 132 -2.47 -32.38 4.05
N LEU A 133 -1.85 -31.97 2.93
CA LEU A 133 -2.57 -31.58 1.74
C LEU A 133 -3.40 -32.72 1.19
N LEU A 134 -2.80 -33.91 1.03
CA LEU A 134 -3.51 -35.10 0.49
C LEU A 134 -4.71 -35.46 1.34
N ARG A 135 -4.49 -35.48 2.64
CA ARG A 135 -5.54 -35.72 3.62
C ARG A 135 -6.64 -34.67 3.52
N GLY A 136 -6.27 -33.41 3.29
CA GLY A 136 -7.25 -32.34 3.14
C GLY A 136 -8.07 -32.48 1.87
N LEU A 137 -7.39 -32.86 0.78
CA LEU A 137 -8.05 -33.06 -0.50
C LEU A 137 -8.96 -34.27 -0.46
N VAL A 138 -8.51 -35.35 0.19
CA VAL A 138 -9.33 -36.54 0.37
C VAL A 138 -10.58 -36.21 1.18
N ALA A 139 -10.39 -35.46 2.26
CA ALA A 139 -11.48 -35.01 3.16
C ALA A 139 -12.57 -34.18 2.47
N LEU A 140 -12.21 -33.51 1.39
CA LEU A 140 -13.15 -32.74 0.56
C LEU A 140 -14.23 -33.62 -0.05
N VAL A 141 -13.88 -34.89 -0.25
CA VAL A 141 -14.68 -35.85 -0.98
C VAL A 141 -15.27 -36.88 0.00
N VAL A 142 -14.49 -37.23 1.02
CA VAL A 142 -14.94 -38.07 2.12
C VAL A 142 -14.82 -37.26 3.41
N PRO A 143 -15.86 -36.46 3.74
CA PRO A 143 -15.77 -35.58 4.92
C PRO A 143 -15.63 -36.44 6.14
N SER A 144 -14.46 -36.87 6.52
CA SER A 144 -14.51 -37.67 7.72
C SER A 144 -13.21 -37.51 8.23
N PRO B 12 -3.94 1.40 18.27
CA PRO B 12 -4.05 1.04 16.85
C PRO B 12 -2.99 1.75 15.99
N GLU B 13 -1.94 1.03 15.62
CA GLU B 13 -0.77 1.62 14.96
C GLU B 13 -1.08 2.26 13.57
N THR B 14 -2.09 1.71 12.86
CA THR B 14 -2.65 2.19 11.59
C THR B 14 -3.25 3.60 11.75
N THR B 15 -4.17 3.70 12.72
CA THR B 15 -4.87 4.95 13.07
C THR B 15 -3.85 5.99 13.46
N GLU B 16 -2.85 5.53 14.17
CA GLU B 16 -1.78 6.38 14.63
C GLU B 16 -1.00 7.03 13.48
N ALA B 17 -0.57 6.21 12.52
CA ALA B 17 0.13 6.65 11.33
C ALA B 17 -0.69 7.66 10.54
N ILE B 18 -1.97 7.35 10.37
CA ILE B 18 -2.89 8.23 9.64
C ILE B 18 -2.93 9.62 10.31
N ARG B 19 -3.10 9.61 11.63
CA ARG B 19 -3.23 10.84 12.37
C ARG B 19 -2.00 11.70 12.36
N ALA B 20 -0.84 11.04 12.43
CA ALA B 20 0.44 11.72 12.35
C ALA B 20 0.57 12.48 11.02
N VAL B 21 0.15 11.84 9.92
CA VAL B 21 0.18 12.47 8.60
C VAL B 21 -0.83 13.62 8.50
N GLU B 22 -2.04 13.42 9.02
CA GLU B 22 -3.06 14.46 9.02
C GLU B 22 -2.62 15.64 9.86
N ALA B 23 -2.12 15.35 11.06
CA ALA B 23 -1.60 16.39 11.95
C ALA B 23 -0.47 17.16 11.26
N PHE B 24 0.40 16.42 10.56
CA PHE B 24 1.50 17.06 9.86
C PHE B 24 1.04 18.02 8.76
N LEU B 25 0.09 17.58 7.93
CA LEU B 25 -0.32 18.36 6.75
C LEU B 25 -1.15 19.56 7.18
N ASN B 26 -1.93 19.40 8.24
CA ASN B 26 -2.64 20.52 8.86
C ASN B 26 -1.70 21.56 9.47
N ALA B 27 -0.63 21.07 10.08
CA ALA B 27 0.36 21.92 10.67
C ALA B 27 1.02 22.77 9.59
N LEU B 28 1.39 22.17 8.47
CA LEU B 28 1.94 22.89 7.32
C LEU B 28 1.02 24.03 6.89
N GLN B 29 -0.23 23.68 6.66
CA GLN B 29 -1.25 24.59 6.22
C GLN B 29 -1.48 25.71 7.24
N ASN B 30 -1.39 25.37 8.52
CA ASN B 30 -1.64 26.33 9.60
C ASN B 30 -0.41 27.07 10.12
N GLU B 31 0.75 26.82 9.50
CA GLU B 31 2.02 27.41 9.95
C GLU B 31 2.38 27.14 11.39
N ASP B 32 2.05 25.94 11.84
CA ASP B 32 2.34 25.50 13.19
C ASP B 32 3.67 24.74 13.11
N PHE B 33 4.76 25.50 13.15
CA PHE B 33 6.06 24.95 12.83
C PHE B 33 6.71 24.10 13.91
N ASP B 34 6.29 24.27 15.14
CA ASP B 34 6.76 23.37 16.16
C ASP B 34 6.18 21.95 15.95
N THR B 35 4.91 21.87 15.58
CA THR B 35 4.30 20.58 15.24
C THR B 35 5.00 19.96 14.02
N VAL B 36 5.25 20.77 12.98
CA VAL B 36 6.08 20.32 11.84
C VAL B 36 7.43 19.71 12.27
N ASP B 37 8.15 20.41 13.13
CA ASP B 37 9.38 19.88 13.74
C ASP B 37 9.22 18.54 14.45
N ALA B 38 8.26 18.48 15.37
CA ALA B 38 7.95 17.24 16.09
C ALA B 38 7.55 16.08 15.16
N ALA B 39 6.85 16.38 14.05
CA ALA B 39 6.33 15.34 13.16
C ALA B 39 7.37 14.70 12.24
N LEU B 40 8.52 15.36 12.04
CA LEU B 40 9.51 14.89 11.07
C LEU B 40 10.66 14.11 11.68
N GLY B 41 10.87 12.89 11.18
CA GLY B 41 11.95 12.02 11.67
C GLY B 41 13.31 12.54 11.29
N ASP B 42 14.32 12.26 12.11
CA ASP B 42 15.69 12.71 11.86
C ASP B 42 16.21 12.27 10.49
N ASP B 43 15.87 11.05 10.10
CA ASP B 43 16.30 10.51 8.82
C ASP B 43 15.25 10.62 7.71
N LEU B 44 14.38 11.62 7.82
CA LEU B 44 13.39 11.88 6.76
C LEU B 44 14.03 11.96 5.38
N VAL B 45 13.45 11.22 4.43
CA VAL B 45 13.62 11.55 3.03
C VAL B 45 12.33 12.18 2.43
N TYR B 46 12.54 13.33 1.79
CA TYR B 46 11.47 14.17 1.27
C TYR B 46 11.68 14.39 -0.21
N GLU B 47 10.74 13.84 -0.97
CA GLU B 47 10.81 13.86 -2.41
C GLU B 47 9.61 14.52 -2.99
N ASN B 48 9.84 15.47 -3.89
CA ASN B 48 8.84 15.80 -4.89
C ASN B 48 9.24 15.03 -6.15
N VAL B 49 8.48 13.98 -6.47
CA VAL B 49 9.00 13.05 -7.43
C VAL B 49 9.31 13.59 -8.83
N GLY B 50 10.54 13.32 -9.25
CA GLY B 50 11.10 13.84 -10.49
C GLY B 50 11.71 15.20 -10.34
N PHE B 51 11.61 15.81 -9.14
CA PHE B 51 12.02 17.22 -8.98
C PHE B 51 13.01 17.53 -7.88
N SER B 52 12.84 16.95 -6.70
CA SER B 52 13.70 17.28 -5.57
C SER B 52 13.77 16.16 -4.57
N ARG B 53 14.95 15.99 -4.00
CA ARG B 53 15.10 15.17 -2.85
C ARG B 53 15.95 15.81 -1.76
N ILE B 54 15.44 15.76 -0.53
CA ILE B 54 16.14 16.29 0.64
C ILE B 54 16.19 15.19 1.69
N ARG B 55 17.34 15.09 2.35
CA ARG B 55 17.51 14.20 3.50
C ARG B 55 17.66 14.93 4.82
N GLY B 56 16.93 14.47 5.82
CA GLY B 56 17.01 15.04 7.14
C GLY B 56 15.75 15.78 7.52
N GLY B 57 15.12 15.30 8.58
CA GLY B 57 13.98 15.96 9.19
C GLY B 57 14.24 17.42 9.51
N ARG B 58 15.43 17.68 10.06
CA ARG B 58 15.74 19.01 10.55
C ARG B 58 16.03 20.06 9.54
N ARG B 59 16.78 19.64 8.53
CA ARG B 59 16.97 20.44 7.34
C ARG B 59 15.66 20.74 6.58
N THR B 60 14.74 19.77 6.49
CA THR B 60 13.43 19.98 5.86
C THR B 60 12.54 20.91 6.70
N ALA B 61 12.50 20.64 8.01
CA ALA B 61 11.72 21.43 8.95
C ALA B 61 12.15 22.89 8.91
N THR B 62 13.46 23.16 8.87
CA THR B 62 13.89 24.56 8.87
C THR B 62 13.66 25.23 7.51
N LEU B 63 13.74 24.44 6.44
CA LEU B 63 13.48 24.96 5.11
C LEU B 63 12.04 25.40 4.98
N LEU B 64 11.12 24.60 5.51
CA LEU B 64 9.71 24.94 5.51
C LEU B 64 9.42 26.13 6.44
N ARG B 65 10.06 26.13 7.62
CA ARG B 65 9.91 27.23 8.55
C ARG B 65 10.33 28.54 7.89
N ARG B 66 11.38 28.48 7.07
CA ARG B 66 11.93 29.68 6.46
C ARG B 66 11.10 30.19 5.29
N MSE B 67 10.00 29.51 5.02
CA MSE B 67 9.14 29.87 3.91
C MSE B 67 7.91 30.65 4.34
O MSE B 67 7.19 31.24 3.53
CB MSE B 67 8.72 28.63 3.17
CG MSE B 67 9.62 28.28 2.05
SE MSE B 67 8.80 26.82 1.15
CE MSE B 67 9.94 25.44 1.78
N GLN B 68 7.66 30.65 5.65
CA GLN B 68 6.51 31.38 6.13
C GLN B 68 6.68 32.88 5.87
N GLY B 69 5.59 33.50 5.44
CA GLY B 69 5.63 34.89 5.05
C GLY B 69 5.98 35.15 3.59
N ARG B 70 6.46 34.15 2.87
CA ARG B 70 6.60 34.27 1.41
C ARG B 70 5.77 33.31 0.62
N VAL B 71 5.65 32.08 1.09
CA VAL B 71 4.73 31.15 0.48
C VAL B 71 3.87 30.51 1.57
N GLY B 72 2.55 30.60 1.36
CA GLY B 72 1.58 29.84 2.14
C GLY B 72 1.17 28.54 1.46
N PHE B 73 0.78 27.56 2.27
CA PHE B 73 0.34 26.27 1.76
C PHE B 73 -1.09 26.00 2.18
N GLU B 74 -1.92 25.52 1.25
CA GLU B 74 -3.19 24.89 1.59
C GLU B 74 -3.16 23.44 1.18
N VAL B 75 -3.79 22.59 1.98
CA VAL B 75 -3.83 21.16 1.74
C VAL B 75 -5.25 20.73 1.99
N LYS B 76 -5.80 20.00 1.04
CA LYS B 76 -7.07 19.39 1.27
C LYS B 76 -6.97 17.88 0.99
N ILE B 77 -7.20 17.08 2.02
CA ILE B 77 -7.14 15.62 1.90
C ILE B 77 -8.52 15.06 1.57
N HIS B 78 -8.66 14.45 0.38
CA HIS B 78 -9.95 13.89 -0.06
C HIS B 78 -10.12 12.48 0.44
N ARG B 79 -9.01 11.74 0.43
CA ARG B 79 -8.93 10.33 0.77
C ARG B 79 -7.58 10.08 1.42
N ILE B 80 -7.58 9.21 2.42
CA ILE B 80 -6.35 8.84 3.12
C ILE B 80 -6.50 7.42 3.63
N GLY B 81 -5.48 6.60 3.47
CA GLY B 81 -5.50 5.20 3.92
C GLY B 81 -4.12 4.71 4.34
N ALA B 82 -4.09 3.60 5.06
CA ALA B 82 -2.80 3.08 5.54
C ALA B 82 -2.50 1.73 4.94
N ASP B 83 -1.21 1.43 4.87
CA ASP B 83 -0.76 0.07 4.56
C ASP B 83 0.41 -0.19 5.46
N GLY B 84 0.11 -0.77 6.63
CA GLY B 84 1.12 -0.96 7.69
C GLY B 84 1.66 0.36 8.17
N ALA B 85 2.94 0.59 7.91
CA ALA B 85 3.60 1.83 8.31
C ALA B 85 3.43 2.92 7.26
N ALA B 86 3.00 2.56 6.07
CA ALA B 86 2.80 3.55 5.02
C ALA B 86 1.42 4.21 5.11
N VAL B 87 1.34 5.46 4.69
CA VAL B 87 0.06 6.15 4.58
C VAL B 87 -0.02 6.81 3.20
N LEU B 88 -1.11 6.58 2.47
CA LEU B 88 -1.31 7.20 1.14
C LEU B 88 -2.39 8.28 1.21
N THR B 89 -2.21 9.33 0.41
CA THR B 89 -3.17 10.44 0.41
C THR B 89 -3.54 10.83 -0.99
N GLU B 90 -4.80 11.23 -1.19
CA GLU B 90 -5.18 11.94 -2.41
C GLU B 90 -5.59 13.36 -2.00
N ARG B 91 -4.92 14.36 -2.57
CA ARG B 91 -5.08 15.75 -2.09
C ARG B 91 -5.25 16.77 -3.19
N THR B 92 -5.74 17.95 -2.81
CA THR B 92 -5.57 19.18 -3.58
C THR B 92 -4.66 20.08 -2.74
N ASP B 93 -3.59 20.58 -3.33
CA ASP B 93 -2.69 21.47 -2.63
C ASP B 93 -2.73 22.80 -3.35
N ALA B 94 -2.21 23.83 -2.70
CA ALA B 94 -2.06 25.14 -3.31
C ALA B 94 -0.87 25.86 -2.70
N LEU B 95 -0.03 26.41 -3.56
CA LEU B 95 0.97 27.34 -3.11
C LEU B 95 0.40 28.74 -3.31
N ILE B 96 0.60 29.59 -2.31
CA ILE B 96 0.15 30.99 -2.38
C ILE B 96 1.27 31.99 -2.16
N ILE B 97 1.53 32.80 -3.18
CA ILE B 97 2.60 33.77 -3.15
C ILE B 97 1.90 35.10 -3.38
N GLY B 98 1.76 35.86 -2.31
CA GLY B 98 0.98 37.08 -2.34
C GLY B 98 -0.42 36.85 -2.89
N PRO B 99 -0.81 37.60 -3.94
CA PRO B 99 -2.11 37.40 -4.56
C PRO B 99 -2.18 36.19 -5.54
N LEU B 100 -1.03 35.64 -5.94
CA LEU B 100 -0.95 34.47 -6.83
C LEU B 100 -1.23 33.16 -6.09
N ARG B 101 -2.23 32.45 -6.57
CA ARG B 101 -2.59 31.14 -6.03
C ARG B 101 -2.44 30.04 -7.06
N VAL B 102 -1.61 29.04 -6.75
CA VAL B 102 -1.37 27.93 -7.67
C VAL B 102 -1.88 26.64 -7.06
N GLN B 103 -2.93 26.10 -7.66
CA GLN B 103 -3.58 24.90 -7.17
C GLN B 103 -3.32 23.71 -8.11
N PHE B 104 -3.22 22.52 -7.53
CA PHE B 104 -2.85 21.31 -8.28
C PHE B 104 -3.10 20.07 -7.43
N TRP B 105 -3.39 18.94 -8.06
CA TRP B 105 -3.60 17.72 -7.30
C TRP B 105 -2.26 17.17 -6.86
N VAL B 106 -2.26 16.45 -5.73
CA VAL B 106 -1.05 15.78 -5.23
C VAL B 106 -1.45 14.46 -4.58
N CYS B 107 -0.75 13.40 -4.93
CA CYS B 107 -0.90 12.17 -4.19
C CYS B 107 0.36 12.02 -3.39
N GLY B 108 0.20 11.90 -2.06
CA GLY B 108 1.37 11.76 -1.19
C GLY B 108 1.49 10.37 -0.57
N VAL B 109 2.69 9.80 -0.55
CA VAL B 109 2.90 8.60 0.26
C VAL B 109 3.89 8.89 1.39
N PHE B 110 3.58 8.39 2.57
CA PHE B 110 4.37 8.65 3.77
C PHE B 110 4.72 7.35 4.45
N GLU B 111 5.84 7.35 5.14
CA GLU B 111 6.13 6.29 6.08
C GLU B 111 6.33 6.88 7.45
N VAL B 112 5.64 6.31 8.42
CA VAL B 112 5.75 6.77 9.76
C VAL B 112 6.23 5.66 10.68
N ASP B 113 7.11 6.04 11.59
CA ASP B 113 7.76 5.14 12.50
C ASP B 113 7.71 5.82 13.85
N ASP B 114 7.00 5.22 14.80
CA ASP B 114 6.91 5.78 16.14
C ASP B 114 6.41 7.21 16.16
N GLY B 115 5.34 7.47 15.42
CA GLY B 115 4.77 8.80 15.38
C GLY B 115 5.55 9.81 14.56
N ARG B 116 6.73 9.44 14.06
CA ARG B 116 7.52 10.36 13.23
C ARG B 116 7.49 9.98 11.76
N ILE B 117 7.44 10.99 10.89
CA ILE B 117 7.48 10.77 9.44
C ILE B 117 8.92 10.56 8.95
N THR B 118 9.17 9.39 8.37
CA THR B 118 10.50 9.04 7.87
C THR B 118 10.60 9.11 6.33
N LEU B 119 9.45 9.08 5.65
CA LEU B 119 9.39 9.24 4.18
C LEU B 119 8.20 10.15 3.85
N TRP B 120 8.46 11.16 3.03
CA TRP B 120 7.42 12.06 2.55
C TRP B 120 7.62 12.23 1.06
N ARG B 121 6.69 11.69 0.28
CA ARG B 121 6.89 11.57 -1.15
C ARG B 121 5.64 12.07 -1.83
N ASP B 122 5.76 13.22 -2.47
CA ASP B 122 4.66 13.83 -3.18
C ASP B 122 4.79 13.66 -4.71
N TYR B 123 3.71 13.15 -5.31
CA TYR B 123 3.54 13.01 -6.76
C TYR B 123 2.55 14.05 -7.26
N PHE B 124 2.87 14.66 -8.39
CA PHE B 124 2.02 15.64 -9.06
C PHE B 124 2.43 15.70 -10.53
N ASP B 125 1.68 16.46 -11.33
CA ASP B 125 1.83 16.50 -12.78
C ASP B 125 2.22 17.92 -13.21
N VAL B 126 3.27 18.04 -14.05
CA VAL B 126 3.71 19.35 -14.53
C VAL B 126 2.68 19.99 -15.43
N TYR B 127 1.89 19.18 -16.12
CA TYR B 127 0.83 19.73 -16.95
C TYR B 127 -0.28 20.33 -16.06
N ASP B 128 -0.67 19.58 -15.04
CA ASP B 128 -1.68 20.05 -14.10
C ASP B 128 -1.20 21.30 -13.36
N MSE B 129 0.05 21.28 -12.94
CA MSE B 129 0.70 22.41 -12.30
C MSE B 129 0.78 23.62 -13.21
O MSE B 129 0.61 24.75 -12.75
CB MSE B 129 2.12 22.02 -11.85
CG MSE B 129 2.87 23.17 -11.15
SE MSE B 129 2.28 23.27 -9.32
CE MSE B 129 3.14 21.41 -8.92
N PHE B 130 1.04 23.39 -14.50
CA PHE B 130 1.12 24.48 -15.45
C PHE B 130 -0.26 25.14 -15.63
N LYS B 131 -1.30 24.32 -15.76
CA LYS B 131 -2.66 24.81 -15.85
C LYS B 131 -3.00 25.61 -14.63
N GLY B 132 -2.56 25.12 -13.47
CA GLY B 132 -2.79 25.79 -12.19
C GLY B 132 -2.15 27.17 -12.17
N LEU B 133 -0.94 27.24 -12.70
CA LEU B 133 -0.22 28.50 -12.85
C LEU B 133 -0.98 29.46 -13.75
N LEU B 134 -1.40 29.01 -14.93
CA LEU B 134 -2.17 29.87 -15.86
C LEU B 134 -3.43 30.40 -15.22
N ARG B 135 -4.17 29.54 -14.56
CA ARG B 135 -5.36 29.94 -13.82
C ARG B 135 -5.10 30.95 -12.72
N GLY B 136 -4.03 30.72 -11.96
CA GLY B 136 -3.55 31.69 -10.97
C GLY B 136 -3.25 33.05 -11.60
N LEU B 137 -2.48 33.04 -12.69
CA LEU B 137 -2.08 34.28 -13.34
C LEU B 137 -3.28 35.02 -13.92
N VAL B 138 -4.19 34.30 -14.58
CA VAL B 138 -5.43 34.88 -15.10
C VAL B 138 -6.29 35.49 -13.99
N ALA B 139 -6.44 34.75 -12.89
CA ALA B 139 -7.20 35.21 -11.73
C ALA B 139 -6.60 36.49 -11.12
N LEU B 140 -5.30 36.68 -11.34
CA LEU B 140 -4.57 37.86 -10.87
C LEU B 140 -5.02 39.16 -11.57
N VAL B 141 -5.56 39.02 -12.78
CA VAL B 141 -6.16 40.17 -13.48
C VAL B 141 -7.68 40.11 -13.57
N VAL B 142 -8.25 38.92 -13.40
CA VAL B 142 -9.69 38.75 -13.28
C VAL B 142 -9.94 37.96 -11.99
N PRO B 143 -10.04 38.66 -10.84
CA PRO B 143 -10.19 38.03 -9.49
C PRO B 143 -11.38 37.07 -9.41
N SER B 144 -12.05 36.94 -10.48
CA SER B 144 -12.69 35.73 -10.87
C SER B 144 -13.80 36.20 -11.43
N GLU C 10 -16.11 -12.17 10.65
CA GLU C 10 -16.75 -11.14 9.79
C GLU C 10 -15.69 -10.20 9.21
N THR C 11 -15.33 -10.46 7.96
CA THR C 11 -14.21 -9.78 7.31
C THR C 11 -14.62 -8.39 6.82
N PRO C 12 -13.84 -7.35 7.20
CA PRO C 12 -14.24 -5.96 6.91
C PRO C 12 -14.21 -5.56 5.44
N GLU C 13 -15.18 -4.74 5.05
CA GLU C 13 -15.29 -4.21 3.68
C GLU C 13 -13.99 -3.62 3.17
N THR C 14 -13.17 -3.21 4.11
CA THR C 14 -11.87 -2.64 3.87
C THR C 14 -10.93 -3.65 3.17
N THR C 15 -10.80 -4.86 3.73
CA THR C 15 -10.01 -5.95 3.17
C THR C 15 -10.58 -6.38 1.84
N GLU C 16 -11.90 -6.45 1.77
CA GLU C 16 -12.62 -6.78 0.55
C GLU C 16 -12.33 -5.80 -0.59
N ALA C 17 -12.41 -4.51 -0.28
CA ALA C 17 -12.21 -3.47 -1.28
C ALA C 17 -10.79 -3.51 -1.84
N ILE C 18 -9.80 -3.64 -0.95
CA ILE C 18 -8.39 -3.80 -1.34
C ILE C 18 -8.18 -4.98 -2.31
N ARG C 19 -8.70 -6.14 -1.90
CA ARG C 19 -8.66 -7.32 -2.71
C ARG C 19 -9.35 -7.22 -4.08
N ALA C 20 -10.49 -6.53 -4.15
CA ALA C 20 -11.19 -6.31 -5.43
C ALA C 20 -10.29 -5.53 -6.39
N VAL C 21 -9.66 -4.48 -5.87
CA VAL C 21 -8.76 -3.62 -6.65
C VAL C 21 -7.51 -4.38 -7.10
N GLU C 22 -6.93 -5.18 -6.21
CA GLU C 22 -5.81 -6.03 -6.58
C GLU C 22 -6.19 -7.06 -7.64
N ALA C 23 -7.32 -7.74 -7.43
CA ALA C 23 -7.83 -8.71 -8.42
C ALA C 23 -8.04 -8.02 -9.77
N PHE C 24 -8.62 -6.83 -9.75
CA PHE C 24 -8.85 -6.12 -10.99
C PHE C 24 -7.55 -5.76 -11.77
N LEU C 25 -6.58 -5.19 -11.07
CA LEU C 25 -5.31 -4.81 -11.69
C LEU C 25 -4.49 -6.00 -12.19
N ASN C 26 -4.46 -7.10 -11.44
CA ASN C 26 -3.85 -8.33 -11.96
C ASN C 26 -4.60 -8.82 -13.18
N ALA C 27 -5.92 -8.70 -13.16
CA ALA C 27 -6.73 -9.14 -14.29
C ALA C 27 -6.40 -8.39 -15.57
N LEU C 28 -6.17 -7.09 -15.48
CA LEU C 28 -5.73 -6.28 -16.60
C LEU C 28 -4.39 -6.72 -17.16
N GLN C 29 -3.43 -6.90 -16.26
CA GLN C 29 -2.10 -7.34 -16.63
C GLN C 29 -2.19 -8.73 -17.29
N ASN C 30 -3.04 -9.60 -16.73
CA ASN C 30 -3.13 -10.99 -17.17
C ASN C 30 -4.07 -11.19 -18.36
N GLU C 31 -4.74 -10.12 -18.76
CA GLU C 31 -5.71 -10.17 -19.88
C GLU C 31 -6.88 -11.11 -19.60
N ASP C 32 -7.29 -11.13 -18.34
CA ASP C 32 -8.34 -12.01 -17.86
C ASP C 32 -9.63 -11.20 -17.92
N PHE C 33 -10.20 -11.16 -19.12
CA PHE C 33 -11.21 -10.13 -19.43
C PHE C 33 -12.57 -10.40 -18.83
N ASP C 34 -12.82 -11.66 -18.51
CA ASP C 34 -14.05 -11.98 -17.79
C ASP C 34 -14.02 -11.51 -16.33
N THR C 35 -12.86 -11.58 -15.68
CA THR C 35 -12.69 -10.97 -14.36
C THR C 35 -12.76 -9.43 -14.44
N VAL C 36 -12.20 -8.84 -15.49
CA VAL C 36 -12.31 -7.40 -15.72
C VAL C 36 -13.81 -6.99 -15.82
N ASP C 37 -14.57 -7.75 -16.60
CA ASP C 37 -16.02 -7.58 -16.72
C ASP C 37 -16.80 -7.70 -15.42
N ALA C 38 -16.49 -8.71 -14.63
CA ALA C 38 -17.12 -8.89 -13.33
C ALA C 38 -16.74 -7.78 -12.35
N ALA C 39 -15.52 -7.22 -12.48
CA ALA C 39 -14.99 -6.27 -11.51
C ALA C 39 -15.58 -4.86 -11.63
N LEU C 40 -16.06 -4.50 -12.82
CA LEU C 40 -16.42 -3.09 -13.07
C LEU C 40 -17.91 -2.85 -12.96
N GLY C 41 -18.31 -1.94 -12.08
CA GLY C 41 -19.70 -1.60 -11.89
C GLY C 41 -20.31 -0.97 -13.14
N ASP C 42 -21.60 -1.19 -13.33
CA ASP C 42 -22.34 -0.61 -14.45
C ASP C 42 -22.20 0.91 -14.60
N ASP C 43 -22.14 1.63 -13.48
CA ASP C 43 -21.95 3.08 -13.53
C ASP C 43 -20.53 3.56 -13.21
N LEU C 44 -19.55 2.72 -13.51
CA LEU C 44 -18.16 3.11 -13.42
C LEU C 44 -17.91 4.47 -14.05
N VAL C 45 -17.19 5.34 -13.34
CA VAL C 45 -16.50 6.44 -14.00
C VAL C 45 -14.99 6.23 -13.96
N TYR C 46 -14.40 6.25 -15.17
CA TYR C 46 -12.99 5.96 -15.38
C TYR C 46 -12.23 7.18 -15.93
N GLU C 47 -11.30 7.68 -15.10
CA GLU C 47 -10.56 8.90 -15.41
C GLU C 47 -9.08 8.64 -15.43
N ASN C 48 -8.45 9.03 -16.53
CA ASN C 48 -7.04 9.33 -16.50
C ASN C 48 -6.97 10.84 -16.29
N VAL C 49 -6.55 11.27 -15.12
CA VAL C 49 -6.76 12.65 -14.69
C VAL C 49 -6.12 13.65 -15.65
N GLY C 50 -6.93 14.57 -16.16
CA GLY C 50 -6.49 15.60 -17.10
C GLY C 50 -6.56 15.14 -18.55
N PHE C 51 -6.91 13.87 -18.78
CA PHE C 51 -6.83 13.34 -20.14
C PHE C 51 -8.08 12.66 -20.70
N SER C 52 -8.77 11.88 -19.89
CA SER C 52 -9.91 11.15 -20.39
C SER C 52 -10.87 10.83 -19.28
N ARG C 53 -12.14 10.88 -19.63
CA ARG C 53 -13.20 10.35 -18.80
C ARG C 53 -14.15 9.47 -19.59
N ILE C 54 -14.40 8.27 -19.09
CA ILE C 54 -15.36 7.36 -19.68
C ILE C 54 -16.35 6.98 -18.59
N ARG C 55 -17.61 6.87 -19.01
CA ARG C 55 -18.69 6.43 -18.14
C ARG C 55 -19.30 5.11 -18.55
N GLY C 56 -19.35 4.17 -17.61
CA GLY C 56 -19.99 2.90 -17.85
C GLY C 56 -19.01 1.75 -17.85
N GLY C 57 -19.25 0.79 -16.96
CA GLY C 57 -18.41 -0.38 -16.81
C GLY C 57 -18.29 -1.23 -18.06
N ARG C 58 -19.41 -1.45 -18.74
CA ARG C 58 -19.39 -2.22 -19.98
C ARG C 58 -18.68 -1.62 -21.15
N ARG C 59 -18.84 -0.31 -21.29
CA ARG C 59 -18.14 0.37 -22.33
C ARG C 59 -16.63 0.36 -22.07
N THR C 60 -16.23 0.54 -20.80
CA THR C 60 -14.81 0.48 -20.41
C THR C 60 -14.25 -0.93 -20.54
N ALA C 61 -15.03 -1.91 -20.08
CA ALA C 61 -14.67 -3.33 -20.15
C ALA C 61 -14.39 -3.79 -21.58
N THR C 62 -15.25 -3.42 -22.53
CA THR C 62 -15.01 -3.86 -23.91
C THR C 62 -13.93 -3.04 -24.62
N LEU C 63 -13.75 -1.79 -24.22
CA LEU C 63 -12.62 -0.99 -24.68
C LEU C 63 -11.30 -1.69 -24.33
N LEU C 64 -11.17 -2.08 -23.06
CA LEU C 64 -10.00 -2.78 -22.57
C LEU C 64 -9.83 -4.13 -23.23
N ARG C 65 -10.92 -4.88 -23.34
CA ARG C 65 -10.89 -6.16 -24.04
C ARG C 65 -10.36 -6.00 -25.47
N ARG C 66 -10.75 -4.92 -26.13
CA ARG C 66 -10.36 -4.74 -27.52
C ARG C 66 -8.93 -4.28 -27.71
N MSE C 67 -8.25 -4.00 -26.63
CA MSE C 67 -6.87 -3.62 -26.72
C MSE C 67 -5.89 -4.80 -26.73
O MSE C 67 -4.71 -4.67 -27.06
CB MSE C 67 -6.52 -2.64 -25.62
CG MSE C 67 -6.85 -1.22 -26.04
SE MSE C 67 -6.46 -0.07 -24.55
CE MSE C 67 -8.23 0.38 -23.94
N GLN C 68 -6.42 -5.97 -26.38
CA GLN C 68 -5.69 -7.20 -26.40
C GLN C 68 -4.94 -7.41 -27.73
N GLY C 69 -3.64 -7.72 -27.63
CA GLY C 69 -2.83 -7.91 -28.83
C GLY C 69 -2.30 -6.62 -29.48
N ARG C 70 -2.69 -5.46 -28.97
CA ARG C 70 -2.17 -4.18 -29.46
C ARG C 70 -1.39 -3.43 -28.44
N VAL C 71 -1.92 -3.38 -27.24
CA VAL C 71 -1.18 -2.82 -26.14
C VAL C 71 -1.33 -3.71 -24.91
N GLY C 72 -0.20 -4.16 -24.38
CA GLY C 72 -0.19 -4.93 -23.13
C GLY C 72 -0.03 -3.99 -21.94
N PHE C 73 -0.47 -4.45 -20.77
CA PHE C 73 -0.29 -3.67 -19.56
C PHE C 73 0.49 -4.44 -18.53
N GLU C 74 1.37 -3.74 -17.81
CA GLU C 74 1.95 -4.26 -16.58
C GLU C 74 1.64 -3.32 -15.42
N VAL C 75 1.44 -3.93 -14.24
CA VAL C 75 1.10 -3.15 -13.06
C VAL C 75 1.86 -3.75 -11.90
N LYS C 76 2.58 -2.89 -11.21
CA LYS C 76 3.27 -3.30 -10.03
C LYS C 76 2.77 -2.34 -8.94
N ILE C 77 2.12 -2.90 -7.92
CA ILE C 77 1.58 -2.10 -6.83
C ILE C 77 2.62 -2.09 -5.72
N HIS C 78 3.12 -0.91 -5.36
CA HIS C 78 4.10 -0.77 -4.26
C HIS C 78 3.43 -0.66 -2.90
N ARG C 79 2.33 0.09 -2.84
CA ARG C 79 1.56 0.30 -1.63
C ARG C 79 0.10 0.45 -2.02
N ILE C 80 -0.78 -0.04 -1.15
CA ILE C 80 -2.21 -0.01 -1.34
C ILE C 80 -2.88 0.04 0.04
N GLY C 81 -3.91 0.85 0.20
CA GLY C 81 -4.59 1.00 1.48
C GLY C 81 -5.99 1.51 1.24
N ALA C 82 -6.85 1.44 2.25
CA ALA C 82 -8.25 1.73 2.07
C ALA C 82 -8.76 2.75 3.06
N ASP C 83 -9.80 3.46 2.66
CA ASP C 83 -10.46 4.47 3.48
C ASP C 83 -11.95 4.19 3.25
N GLY C 84 -12.50 3.32 4.08
CA GLY C 84 -13.85 2.84 3.89
C GLY C 84 -13.97 2.15 2.55
N ALA C 85 -14.86 2.65 1.69
CA ALA C 85 -15.02 2.09 0.36
C ALA C 85 -13.94 2.58 -0.63
N ALA C 86 -13.22 3.65 -0.29
CA ALA C 86 -12.12 4.13 -1.15
C ALA C 86 -10.80 3.32 -0.97
N VAL C 87 -10.11 3.09 -2.09
CA VAL C 87 -8.85 2.36 -2.13
C VAL C 87 -7.82 3.25 -2.87
N LEU C 88 -6.64 3.37 -2.27
CA LEU C 88 -5.54 4.17 -2.85
C LEU C 88 -4.37 3.26 -3.20
N THR C 89 -3.63 3.64 -4.23
CA THR C 89 -2.72 2.75 -4.84
C THR C 89 -1.47 3.54 -5.32
N GLU C 90 -0.27 3.06 -4.97
CA GLU C 90 0.98 3.62 -5.49
C GLU C 90 1.60 2.55 -6.38
N ARG C 91 1.71 2.84 -7.67
CA ARG C 91 2.11 1.83 -8.64
C ARG C 91 3.18 2.30 -9.62
N THR C 92 3.77 1.32 -10.29
CA THR C 92 4.47 1.53 -11.54
C THR C 92 3.69 0.76 -12.60
N ASP C 93 3.33 1.45 -13.67
CA ASP C 93 2.62 0.82 -14.78
C ASP C 93 3.55 0.78 -15.98
N ALA C 94 3.24 -0.07 -16.94
CA ALA C 94 3.92 -0.06 -18.22
C ALA C 94 2.92 -0.32 -19.34
N LEU C 95 3.00 0.44 -20.42
CA LEU C 95 2.27 0.13 -21.65
C LEU C 95 3.27 -0.45 -22.65
N ILE C 96 2.88 -1.56 -23.28
CA ILE C 96 3.75 -2.28 -24.22
C ILE C 96 3.05 -2.33 -25.54
N ILE C 97 3.71 -1.81 -26.58
CA ILE C 97 3.21 -1.84 -27.94
C ILE C 97 4.35 -2.44 -28.75
N GLY C 98 4.20 -3.73 -29.09
CA GLY C 98 5.28 -4.51 -29.67
C GLY C 98 6.54 -4.43 -28.83
N PRO C 99 7.67 -3.95 -29.44
CA PRO C 99 8.95 -3.92 -28.73
C PRO C 99 9.14 -2.64 -27.93
N LEU C 100 8.21 -1.69 -28.09
CA LEU C 100 8.23 -0.45 -27.32
C LEU C 100 7.59 -0.62 -25.93
N ARG C 101 8.35 -0.34 -24.87
CA ARG C 101 7.83 -0.40 -23.52
C ARG C 101 7.96 0.96 -22.85
N VAL C 102 6.83 1.48 -22.38
CA VAL C 102 6.78 2.80 -21.76
C VAL C 102 6.32 2.66 -20.32
N GLN C 103 7.22 3.00 -19.40
CA GLN C 103 7.00 2.76 -17.99
C GLN C 103 6.97 4.08 -17.22
N PHE C 104 6.06 4.17 -16.26
CA PHE C 104 5.79 5.44 -15.58
C PHE C 104 5.10 5.14 -14.25
N TRP C 105 5.18 6.08 -13.29
CA TRP C 105 4.46 5.89 -12.06
C TRP C 105 2.98 6.27 -12.25
N VAL C 106 2.11 5.59 -11.50
CA VAL C 106 0.69 5.95 -11.40
C VAL C 106 0.24 5.83 -9.93
N CYS C 107 -0.53 6.81 -9.50
CA CYS C 107 -1.31 6.71 -8.29
C CYS C 107 -2.78 6.57 -8.70
N GLY C 108 -3.42 5.48 -8.31
CA GLY C 108 -4.81 5.26 -8.63
C GLY C 108 -5.66 5.32 -7.39
N VAL C 109 -6.81 5.96 -7.52
CA VAL C 109 -7.82 5.91 -6.47
C VAL C 109 -9.09 5.23 -7.01
N PHE C 110 -9.62 4.32 -6.21
CA PHE C 110 -10.79 3.55 -6.59
C PHE C 110 -11.86 3.71 -5.54
N GLU C 111 -13.09 3.49 -5.95
CA GLU C 111 -14.18 3.24 -5.03
C GLU C 111 -14.83 1.92 -5.38
N VAL C 112 -15.04 1.11 -4.36
CA VAL C 112 -15.70 -0.17 -4.57
C VAL C 112 -16.95 -0.32 -3.72
N ASP C 113 -17.99 -0.79 -4.39
CA ASP C 113 -19.30 -0.94 -3.80
C ASP C 113 -19.69 -2.37 -4.13
N ASP C 114 -19.73 -3.21 -3.09
CA ASP C 114 -20.33 -4.54 -3.24
C ASP C 114 -19.45 -5.38 -4.17
N GLY C 115 -18.14 -5.34 -3.93
CA GLY C 115 -17.18 -6.04 -4.79
C GLY C 115 -16.99 -5.45 -6.18
N ARG C 116 -17.78 -4.45 -6.55
CA ARG C 116 -17.63 -3.82 -7.86
C ARG C 116 -17.02 -2.42 -7.81
N ILE C 117 -16.15 -2.14 -8.78
CA ILE C 117 -15.47 -0.87 -8.88
C ILE C 117 -16.37 0.16 -9.56
N THR C 118 -16.68 1.23 -8.83
CA THR C 118 -17.54 2.31 -9.32
C THR C 118 -16.77 3.57 -9.72
N LEU C 119 -15.56 3.73 -9.16
CA LEU C 119 -14.65 4.80 -9.54
C LEU C 119 -13.27 4.23 -9.79
N TRP C 120 -12.65 4.64 -10.90
CA TRP C 120 -11.26 4.28 -11.22
C TRP C 120 -10.60 5.54 -11.76
N ARG C 121 -9.72 6.11 -10.94
CA ARG C 121 -9.11 7.39 -11.23
C ARG C 121 -7.58 7.28 -11.17
N ASP C 122 -6.95 7.32 -12.34
CA ASP C 122 -5.50 7.16 -12.37
C ASP C 122 -4.84 8.51 -12.57
N TYR C 123 -3.83 8.77 -11.73
CA TYR C 123 -3.03 9.98 -11.76
C TYR C 123 -1.61 9.66 -12.26
N PHE C 124 -1.07 10.51 -13.11
CA PHE C 124 0.31 10.38 -13.58
C PHE C 124 0.79 11.75 -14.06
N ASP C 125 2.09 11.84 -14.39
CA ASP C 125 2.76 13.09 -14.77
C ASP C 125 3.23 12.99 -16.23
N VAL C 126 2.92 14.00 -17.05
CA VAL C 126 3.33 13.94 -18.47
C VAL C 126 4.85 13.94 -18.58
N TYR C 127 5.50 14.63 -17.66
CA TYR C 127 6.96 14.66 -17.69
C TYR C 127 7.60 13.26 -17.48
N ASP C 128 7.17 12.59 -16.41
CA ASP C 128 7.57 11.24 -16.12
C ASP C 128 7.24 10.31 -17.28
N MSE C 129 6.08 10.52 -17.90
CA MSE C 129 5.66 9.72 -19.04
C MSE C 129 6.55 9.98 -20.25
O MSE C 129 6.92 9.07 -20.99
CB MSE C 129 4.20 10.03 -19.40
CG MSE C 129 3.74 9.28 -20.65
SE MSE C 129 2.86 7.77 -20.10
CE MSE C 129 1.49 8.83 -18.96
N PHE C 130 6.87 11.25 -20.46
CA PHE C 130 7.72 11.64 -21.56
C PHE C 130 9.11 11.02 -21.38
N LYS C 131 9.61 11.03 -20.15
CA LYS C 131 10.86 10.35 -19.82
C LYS C 131 10.78 8.84 -20.05
N GLY C 132 9.63 8.26 -19.74
CA GLY C 132 9.40 6.85 -19.98
C GLY C 132 9.38 6.52 -21.47
N LEU C 133 8.85 7.44 -22.26
CA LEU C 133 8.80 7.29 -23.71
C LEU C 133 10.20 7.35 -24.34
N LEU C 134 11.01 8.28 -23.86
CA LEU C 134 12.39 8.44 -24.36
C LEU C 134 13.23 7.23 -24.05
N ARG C 135 13.05 6.70 -22.85
CA ARG C 135 13.75 5.50 -22.48
C ARG C 135 13.27 4.28 -23.26
N GLY C 136 11.96 4.23 -23.51
CA GLY C 136 11.38 3.18 -24.35
C GLY C 136 11.99 3.22 -25.74
N LEU C 137 11.97 4.42 -26.31
CA LEU C 137 12.53 4.63 -27.64
C LEU C 137 14.02 4.31 -27.72
N VAL C 138 14.79 4.74 -26.73
CA VAL C 138 16.20 4.42 -26.67
C VAL C 138 16.43 2.90 -26.57
N ALA C 139 15.62 2.24 -25.75
CA ALA C 139 15.77 0.79 -25.54
C ALA C 139 15.44 -0.04 -26.79
N LEU C 140 14.64 0.52 -27.69
CA LEU C 140 14.35 -0.02 -29.01
C LEU C 140 15.58 -0.27 -29.87
N VAL C 141 16.66 0.47 -29.49
CA VAL C 141 17.87 0.54 -30.29
C VAL C 141 19.00 -0.08 -29.45
N VAL C 142 18.96 0.18 -28.14
CA VAL C 142 19.88 -0.41 -27.18
C VAL C 142 19.05 -1.24 -26.20
N PRO C 143 18.76 -2.52 -26.54
CA PRO C 143 17.87 -3.33 -25.71
C PRO C 143 18.36 -3.42 -24.28
N SER C 144 19.51 -2.89 -23.98
CA SER C 144 19.89 -2.97 -22.62
C SER C 144 19.36 -1.89 -21.78
N LEU C 145 18.68 -0.88 -22.30
CA LEU C 145 18.30 0.20 -21.37
C LEU C 145 16.80 0.15 -21.07
N LYS C 146 16.16 -0.96 -21.43
CA LYS C 146 14.72 -1.12 -21.28
C LYS C 146 14.32 -1.25 -19.83
N ALA C 147 13.29 -0.50 -19.43
CA ALA C 147 12.73 -0.55 -18.07
C ALA C 147 12.19 -1.95 -17.73
N THR C 148 12.23 -2.31 -16.45
CA THR C 148 11.69 -3.59 -16.01
C THR C 148 10.90 -3.39 -14.72
N LEU C 149 9.97 -4.30 -14.46
CA LEU C 149 9.31 -4.39 -13.14
C LEU C 149 9.88 -5.52 -12.32
CA CA D . 6.08 1.88 16.48
CA CA E . -2.90 28.87 6.44
#